data_3LUH
#
_entry.id   3LUH
#
_cell.length_a   40.433
_cell.length_b   46.971
_cell.length_c   66.352
_cell.angle_alpha   86.06
_cell.angle_beta   72.77
_cell.angle_gamma   83.70
#
_symmetry.space_group_name_H-M   'P 1'
#
loop_
_entity.id
_entity.type
_entity.pdbx_description
1 polymer 'Protein argonaute-2'
2 non-polymer "GUANOSINE-5'-MONOPHOSPHATE"
3 non-polymer 'PHOSPHATE ION'
4 water water
#
_entity_poly.entity_id   1
_entity_poly.type   'polypeptide(L)'
_entity_poly.pdbx_seq_one_letter_code
;SNKQFHTGIEIKVWAIACFAPQRQCTEVHLKSFTEQLRKISRDAGMPIQGQPCFCKYAQGADSVEPMFRHLKNTYAGLQL
VVVILPGKTPVYAEVKRVGDTVLGMATQCVQMKNVQRTTPQTLSNLCLKINVKLGGVN
;
_entity_poly.pdbx_strand_id   A,B,C
#
loop_
_chem_comp.id
_chem_comp.type
_chem_comp.name
_chem_comp.formula
5GP non-polymer GUANOSINE-5'-MONOPHOSPHATE 'C10 H14 N5 O8 P'
PO4 non-polymer 'PHOSPHATE ION' 'O4 P -3'
#
# COMPACT_ATOMS: atom_id res chain seq x y z
N LYS A 3 14.76 -19.02 -32.65
CA LYS A 3 14.92 -20.44 -32.96
C LYS A 3 13.59 -21.17 -32.82
N GLN A 4 13.58 -22.45 -33.18
CA GLN A 4 12.37 -23.26 -33.08
C GLN A 4 12.11 -23.73 -31.65
N PHE A 5 10.83 -23.81 -31.31
CA PHE A 5 10.37 -24.26 -30.01
C PHE A 5 10.64 -25.76 -29.78
N HIS A 6 11.15 -26.10 -28.61
CA HIS A 6 11.46 -27.49 -28.28
C HIS A 6 10.38 -28.12 -27.38
N THR A 7 9.89 -29.28 -27.77
CA THR A 7 8.87 -29.97 -27.00
C THR A 7 9.51 -30.93 -25.99
N GLY A 8 8.71 -31.40 -25.04
CA GLY A 8 9.17 -32.42 -24.12
C GLY A 8 9.92 -31.94 -22.89
N ILE A 9 9.98 -30.62 -22.70
CA ILE A 9 10.56 -30.07 -21.49
C ILE A 9 9.49 -30.00 -20.40
N GLU A 10 9.82 -30.55 -19.23
CA GLU A 10 9.03 -30.34 -18.03
C GLU A 10 9.97 -29.87 -16.93
N ILE A 11 9.75 -28.65 -16.43
CA ILE A 11 10.59 -28.13 -15.36
C ILE A 11 9.89 -28.39 -14.03
N LYS A 12 10.35 -29.44 -13.34
CA LYS A 12 9.80 -29.90 -12.06
C LYS A 12 10.59 -29.42 -10.84
N VAL A 13 11.91 -29.30 -10.98
CA VAL A 13 12.71 -28.86 -9.85
C VAL A 13 13.40 -27.56 -10.23
N TRP A 14 12.97 -26.47 -9.62
CA TRP A 14 13.51 -25.16 -9.96
C TRP A 14 13.44 -24.25 -8.75
N ALA A 15 14.30 -23.23 -8.75
CA ALA A 15 14.40 -22.33 -7.63
C ALA A 15 14.23 -20.88 -8.05
N ILE A 16 13.83 -20.05 -7.10
CA ILE A 16 13.83 -18.61 -7.28
C ILE A 16 14.83 -18.00 -6.32
N ALA A 17 15.71 -17.14 -6.83
CA ALA A 17 16.55 -16.32 -5.97
C ALA A 17 16.19 -14.88 -6.25
N CYS A 18 15.61 -14.20 -5.26
CA CYS A 18 15.17 -12.83 -5.50
C CYS A 18 16.16 -11.83 -4.94
N PHE A 19 16.91 -11.21 -5.83
CA PHE A 19 17.90 -10.22 -5.39
C PHE A 19 17.28 -8.82 -5.35
N ALA A 20 16.01 -8.74 -5.72
CA ALA A 20 15.24 -7.53 -5.51
C ALA A 20 14.84 -7.46 -4.04
N PRO A 21 14.76 -6.26 -3.48
CA PRO A 21 14.37 -6.12 -2.07
C PRO A 21 12.93 -6.56 -1.85
N GLN A 22 12.67 -7.26 -0.76
CA GLN A 22 11.34 -7.75 -0.45
C GLN A 22 10.28 -6.64 -0.43
N ARG A 23 10.64 -5.47 0.08
CA ARG A 23 9.67 -4.39 0.17
C ARG A 23 9.31 -3.86 -1.22
N GLN A 24 10.15 -4.14 -2.21
CA GLN A 24 9.80 -3.76 -3.57
C GLN A 24 9.14 -4.91 -4.35
N CYS A 25 9.64 -6.12 -4.15
CA CYS A 25 9.12 -7.28 -4.86
C CYS A 25 8.66 -8.27 -3.81
N THR A 26 7.43 -8.09 -3.34
CA THR A 26 6.93 -8.84 -2.18
C THR A 26 6.65 -10.31 -2.49
N GLU A 27 6.27 -11.05 -1.45
CA GLU A 27 5.95 -12.45 -1.63
C GLU A 27 4.77 -12.66 -2.58
N VAL A 28 3.75 -11.80 -2.47
CA VAL A 28 2.57 -11.96 -3.32
C VAL A 28 2.92 -11.64 -4.76
N HIS A 29 3.89 -10.77 -4.97
CA HIS A 29 4.39 -10.48 -6.32
C HIS A 29 5.07 -11.71 -6.89
N LEU A 30 5.86 -12.37 -6.05
CA LEU A 30 6.56 -13.58 -6.45
C LEU A 30 5.56 -14.70 -6.76
N LYS A 31 4.56 -14.86 -5.89
CA LYS A 31 3.57 -15.92 -6.08
C LYS A 31 2.69 -15.71 -7.29
N SER A 32 2.36 -14.44 -7.56
CA SER A 32 1.54 -14.07 -8.72
C SER A 32 2.32 -14.29 -10.02
N PHE A 33 3.54 -13.79 -10.06
CA PHE A 33 4.45 -14.03 -11.18
C PHE A 33 4.59 -15.53 -11.46
N THR A 34 4.83 -16.30 -10.40
CA THR A 34 5.04 -17.72 -10.56
C THR A 34 3.79 -18.38 -11.14
N GLU A 35 2.62 -18.01 -10.62
CA GLU A 35 1.36 -18.56 -11.14
C GLU A 35 1.15 -18.24 -12.62
N GLN A 36 1.37 -16.99 -13.00
CA GLN A 36 1.25 -16.61 -14.41
C GLN A 36 2.24 -17.39 -15.29
N LEU A 37 3.45 -17.60 -14.78
CA LEU A 37 4.47 -18.32 -15.53
C LEU A 37 4.08 -19.79 -15.68
N ARG A 38 3.51 -20.36 -14.63
CA ARG A 38 3.04 -21.74 -14.62
C ARG A 38 2.01 -21.95 -15.72
N LYS A 39 1.03 -21.07 -15.79
CA LYS A 39 -0.04 -21.19 -16.76
C LYS A 39 0.43 -21.07 -18.22
N ILE A 40 1.23 -20.05 -18.54
CA ILE A 40 1.65 -19.87 -19.94
C ILE A 40 2.67 -20.94 -20.38
N SER A 41 3.59 -21.33 -19.50
CA SER A 41 4.53 -22.40 -19.85
C SER A 41 3.77 -23.70 -20.10
N ARG A 42 2.76 -23.96 -19.28
CA ARG A 42 1.88 -25.11 -19.45
C ARG A 42 1.21 -25.03 -20.82
N ASP A 43 0.48 -23.95 -21.06
CA ASP A 43 -0.27 -23.81 -22.31
C ASP A 43 0.63 -23.94 -23.53
N ALA A 44 1.88 -23.54 -23.37
CA ALA A 44 2.87 -23.61 -24.44
C ALA A 44 3.51 -25.01 -24.57
N GLY A 45 3.30 -25.87 -23.58
CA GLY A 45 3.85 -27.22 -23.67
C GLY A 45 5.26 -27.35 -23.12
N MET A 46 5.65 -26.42 -22.26
CA MET A 46 6.90 -26.57 -21.50
C MET A 46 6.56 -26.22 -20.07
N PRO A 47 5.72 -27.04 -19.44
CA PRO A 47 5.20 -26.76 -18.10
C PRO A 47 6.28 -26.58 -17.05
N ILE A 48 6.30 -25.41 -16.43
CA ILE A 48 7.08 -25.17 -15.22
C ILE A 48 6.16 -25.39 -14.06
N GLN A 49 6.49 -26.32 -13.18
CA GLN A 49 5.59 -26.63 -12.09
C GLN A 49 5.45 -25.41 -11.18
N GLY A 50 4.29 -25.30 -10.53
CA GLY A 50 3.91 -24.09 -9.83
C GLY A 50 4.67 -23.85 -8.54
N GLN A 51 5.18 -24.92 -7.96
CA GLN A 51 5.85 -24.83 -6.67
C GLN A 51 7.36 -24.97 -6.82
N PRO A 52 8.10 -23.86 -6.67
CA PRO A 52 9.57 -23.99 -6.69
C PRO A 52 10.06 -24.73 -5.44
N CYS A 53 11.18 -25.44 -5.56
CA CYS A 53 11.75 -26.14 -4.41
C CYS A 53 12.34 -25.18 -3.38
N PHE A 54 12.45 -23.90 -3.72
CA PHE A 54 13.22 -22.96 -2.92
C PHE A 54 12.84 -21.58 -3.41
N CYS A 55 12.62 -20.66 -2.49
CA CYS A 55 12.39 -19.28 -2.86
C CYS A 55 12.87 -18.34 -1.76
N LYS A 56 13.97 -17.64 -1.99
CA LYS A 56 14.54 -16.75 -0.99
C LYS A 56 15.05 -15.44 -1.57
N TYR A 57 14.99 -14.42 -0.73
CA TYR A 57 15.61 -13.15 -0.99
C TYR A 57 17.09 -13.20 -0.61
N ALA A 58 17.92 -12.47 -1.37
CA ALA A 58 19.31 -12.27 -1.01
C ALA A 58 19.70 -10.89 -1.49
N GLN A 59 20.81 -10.37 -0.97
CA GLN A 59 21.27 -9.05 -1.34
C GLN A 59 22.72 -9.10 -1.81
N GLY A 60 23.01 -8.42 -2.90
CA GLY A 60 24.37 -8.22 -3.34
C GLY A 60 25.00 -9.38 -4.10
N ALA A 61 25.88 -9.03 -5.04
CA ALA A 61 26.52 -10.02 -5.88
C ALA A 61 27.29 -11.08 -5.09
N ASP A 62 27.79 -10.70 -3.92
CA ASP A 62 28.54 -11.65 -3.08
C ASP A 62 27.69 -12.78 -2.53
N SER A 63 26.37 -12.62 -2.54
CA SER A 63 25.50 -13.65 -2.01
C SER A 63 25.24 -14.74 -3.03
N VAL A 64 25.58 -14.47 -4.28
CA VAL A 64 25.25 -15.38 -5.37
C VAL A 64 25.96 -16.72 -5.26
N GLU A 65 27.28 -16.71 -5.08
CA GLU A 65 28.01 -17.97 -5.11
C GLU A 65 27.64 -18.90 -3.95
N PRO A 66 27.58 -18.37 -2.72
CA PRO A 66 27.14 -19.17 -1.58
C PRO A 66 25.72 -19.72 -1.77
N MET A 67 24.80 -18.92 -2.28
CA MET A 67 23.43 -19.39 -2.54
C MET A 67 23.38 -20.50 -3.57
N PHE A 68 24.03 -20.31 -4.72
CA PHE A 68 24.02 -21.32 -5.79
C PHE A 68 24.73 -22.61 -5.36
N ARG A 69 25.80 -22.47 -4.59
CA ARG A 69 26.44 -23.64 -4.02
C ARG A 69 25.46 -24.37 -3.10
N HIS A 70 24.81 -23.63 -2.21
CA HIS A 70 23.79 -24.22 -1.35
C HIS A 70 22.72 -24.95 -2.16
N LEU A 71 22.22 -24.30 -3.20
CA LEU A 71 21.20 -24.92 -4.05
C LEU A 71 21.69 -26.22 -4.70
N LYS A 72 22.91 -26.20 -5.22
CA LYS A 72 23.48 -27.39 -5.84
C LYS A 72 23.63 -28.51 -4.82
N ASN A 73 24.03 -28.15 -3.61
CA ASN A 73 24.32 -29.14 -2.59
C ASN A 73 23.06 -29.70 -1.92
N THR A 74 21.91 -29.10 -2.26
CA THR A 74 20.68 -29.35 -1.51
C THR A 74 19.56 -29.99 -2.31
N TYR A 75 19.44 -29.60 -3.57
CA TYR A 75 18.32 -30.02 -4.40
C TYR A 75 18.79 -30.88 -5.57
N ALA A 76 18.70 -32.21 -5.44
CA ALA A 76 19.07 -33.08 -6.54
C ALA A 76 18.09 -32.82 -7.69
N GLY A 77 18.58 -32.90 -8.91
CA GLY A 77 17.73 -32.76 -10.09
C GLY A 77 17.35 -31.33 -10.42
N LEU A 78 17.95 -30.38 -9.71
CA LEU A 78 17.65 -28.99 -9.96
C LEU A 78 17.86 -28.67 -11.44
N GLN A 79 16.84 -28.12 -12.09
CA GLN A 79 16.92 -27.85 -13.53
C GLN A 79 17.12 -26.36 -13.86
N LEU A 80 16.70 -25.48 -12.95
CA LEU A 80 16.72 -24.04 -13.27
C LEU A 80 16.69 -23.17 -12.03
N VAL A 81 17.47 -22.09 -12.05
CA VAL A 81 17.32 -21.01 -11.08
C VAL A 81 16.86 -19.74 -11.79
N VAL A 82 15.71 -19.25 -11.38
CA VAL A 82 15.16 -18.01 -11.90
C VAL A 82 15.63 -16.92 -10.97
N VAL A 83 16.26 -15.90 -11.52
CA VAL A 83 16.90 -14.89 -10.69
C VAL A 83 16.25 -13.54 -10.96
N ILE A 84 15.75 -12.89 -9.91
CA ILE A 84 15.06 -11.63 -10.08
C ILE A 84 16.01 -10.50 -9.73
N LEU A 85 16.20 -9.58 -10.66
CA LEU A 85 17.16 -8.50 -10.48
C LEU A 85 16.45 -7.17 -10.28
N PRO A 86 16.96 -6.34 -9.35
CA PRO A 86 16.46 -4.97 -9.21
C PRO A 86 17.21 -4.00 -10.12
N GLY A 87 16.79 -3.90 -11.37
CA GLY A 87 17.40 -2.98 -12.30
C GLY A 87 18.79 -3.42 -12.73
N LYS A 88 19.62 -2.45 -13.13
CA LYS A 88 20.99 -2.71 -13.58
C LYS A 88 21.91 -2.84 -12.38
N THR A 89 22.56 -4.00 -12.27
CA THR A 89 23.23 -4.40 -11.04
C THR A 89 24.35 -5.38 -11.36
N PRO A 90 25.44 -5.33 -10.60
CA PRO A 90 26.51 -6.31 -10.75
C PRO A 90 26.05 -7.75 -10.49
N VAL A 91 24.86 -7.92 -9.92
CA VAL A 91 24.35 -9.27 -9.65
C VAL A 91 24.24 -10.09 -10.94
N TYR A 92 23.83 -9.44 -12.02
CA TYR A 92 23.66 -10.17 -13.28
C TYR A 92 24.96 -10.84 -13.74
N ALA A 93 26.02 -10.06 -13.81
CA ALA A 93 27.32 -10.60 -14.19
C ALA A 93 27.77 -11.76 -13.30
N GLU A 94 27.51 -11.65 -11.99
CA GLU A 94 27.94 -12.71 -11.05
C GLU A 94 27.12 -13.99 -11.21
N VAL A 95 25.81 -13.84 -11.38
CA VAL A 95 24.92 -14.97 -11.67
C VAL A 95 25.45 -15.77 -12.86
N LYS A 96 25.84 -15.05 -13.90
CA LYS A 96 26.30 -15.70 -15.11
C LYS A 96 27.68 -16.30 -14.91
N ARG A 97 28.57 -15.60 -14.18
CA ARG A 97 29.88 -16.19 -13.89
C ARG A 97 29.73 -17.50 -13.12
N VAL A 98 28.92 -17.49 -12.08
CA VAL A 98 28.80 -18.67 -11.20
C VAL A 98 27.98 -19.80 -11.88
N GLY A 99 26.88 -19.42 -12.52
CA GLY A 99 26.02 -20.38 -13.20
C GLY A 99 26.67 -21.01 -14.41
N ASP A 100 27.21 -20.17 -15.28
CA ASP A 100 27.78 -20.65 -16.54
C ASP A 100 29.20 -21.22 -16.39
N THR A 101 30.07 -20.58 -15.61
CA THR A 101 31.47 -21.02 -15.59
C THR A 101 31.98 -21.67 -14.29
N VAL A 102 31.23 -21.60 -13.20
CA VAL A 102 31.67 -22.26 -11.97
C VAL A 102 30.93 -23.57 -11.68
N LEU A 103 29.60 -23.55 -11.69
CA LEU A 103 28.84 -24.70 -11.21
C LEU A 103 28.05 -25.46 -12.27
N GLY A 104 28.00 -24.93 -13.49
CA GLY A 104 27.22 -25.56 -14.55
C GLY A 104 25.75 -25.65 -14.19
N MET A 105 25.18 -24.52 -13.79
CA MET A 105 23.80 -24.42 -13.36
C MET A 105 23.03 -23.50 -14.31
N ALA A 106 21.92 -23.99 -14.88
CA ALA A 106 21.09 -23.16 -15.72
C ALA A 106 20.41 -22.04 -14.93
N THR A 107 20.57 -20.81 -15.39
CA THR A 107 19.94 -19.67 -14.75
C THR A 107 19.20 -18.86 -15.79
N GLN A 108 18.08 -18.28 -15.38
CA GLN A 108 17.35 -17.34 -16.20
C GLN A 108 17.08 -16.13 -15.35
N CYS A 109 17.51 -14.97 -15.81
CA CYS A 109 17.28 -13.76 -15.05
C CYS A 109 16.01 -13.09 -15.51
N VAL A 110 15.37 -12.35 -14.61
CA VAL A 110 14.19 -11.57 -14.97
C VAL A 110 14.20 -10.24 -14.19
N GLN A 111 13.73 -9.19 -14.85
CA GLN A 111 13.72 -7.87 -14.21
C GLN A 111 12.60 -7.78 -13.20
N MET A 112 12.88 -7.12 -12.08
CA MET A 112 11.91 -6.94 -11.01
C MET A 112 10.60 -6.31 -11.49
N LYS A 113 10.70 -5.36 -12.42
CA LYS A 113 9.50 -4.67 -12.91
C LYS A 113 8.54 -5.65 -13.59
N ASN A 114 9.09 -6.70 -14.18
CA ASN A 114 8.28 -7.72 -14.86
C ASN A 114 7.74 -8.83 -13.95
N VAL A 115 8.23 -8.87 -12.71
CA VAL A 115 7.65 -9.70 -11.67
C VAL A 115 6.56 -8.94 -10.92
N GLN A 116 6.79 -7.64 -10.71
CA GLN A 116 5.79 -6.80 -10.06
C GLN A 116 4.52 -6.69 -10.91
N ARG A 117 4.71 -6.47 -12.20
CA ARG A 117 3.60 -6.45 -13.14
C ARG A 117 3.97 -7.30 -14.34
N THR A 118 3.28 -8.41 -14.52
CA THR A 118 3.55 -9.27 -15.66
C THR A 118 2.72 -8.82 -16.86
N THR A 119 3.21 -9.13 -18.06
CA THR A 119 2.40 -9.11 -19.27
C THR A 119 2.59 -10.44 -20.02
N PRO A 120 1.57 -10.85 -20.79
CA PRO A 120 1.76 -12.09 -21.54
C PRO A 120 3.02 -12.02 -22.38
N GLN A 121 3.31 -10.85 -22.94
CA GLN A 121 4.49 -10.73 -23.78
C GLN A 121 5.82 -10.91 -23.05
N THR A 122 5.93 -10.40 -21.81
CA THR A 122 7.18 -10.55 -21.08
C THR A 122 7.32 -11.99 -20.56
N LEU A 123 6.20 -12.58 -20.16
CA LEU A 123 6.20 -13.98 -19.74
C LEU A 123 6.57 -14.89 -20.92
N SER A 124 6.06 -14.55 -22.09
CA SER A 124 6.45 -15.22 -23.33
C SER A 124 7.94 -15.11 -23.57
N ASN A 125 8.51 -13.91 -23.47
CA ASN A 125 9.97 -13.74 -23.67
C ASN A 125 10.74 -14.71 -22.77
N LEU A 126 10.31 -14.79 -21.52
CA LEU A 126 10.93 -15.63 -20.50
C LEU A 126 10.84 -17.10 -20.88
N CYS A 127 9.64 -17.58 -21.20
CA CYS A 127 9.50 -18.96 -21.63
C CYS A 127 10.41 -19.27 -22.80
N LEU A 128 10.49 -18.36 -23.76
CA LEU A 128 11.32 -18.63 -24.92
C LEU A 128 12.79 -18.72 -24.54
N LYS A 129 13.26 -17.80 -23.71
CA LYS A 129 14.64 -17.88 -23.24
C LYS A 129 14.87 -19.22 -22.51
N ILE A 130 13.95 -19.59 -21.64
CA ILE A 130 14.07 -20.84 -20.92
C ILE A 130 14.09 -22.02 -21.88
N ASN A 131 13.25 -21.98 -22.90
CA ASN A 131 13.16 -23.09 -23.85
C ASN A 131 14.47 -23.31 -24.56
N VAL A 132 15.08 -22.22 -24.99
CA VAL A 132 16.37 -22.28 -25.65
C VAL A 132 17.42 -22.91 -24.72
N LYS A 133 17.45 -22.43 -23.47
CA LYS A 133 18.43 -22.92 -22.52
C LYS A 133 18.32 -24.41 -22.30
N LEU A 134 17.14 -24.89 -21.94
CA LEU A 134 16.98 -26.31 -21.60
C LEU A 134 16.64 -27.19 -22.79
N GLY A 135 16.79 -26.65 -24.00
CA GLY A 135 16.35 -27.31 -25.21
C GLY A 135 17.26 -28.43 -25.65
N LYS B 3 -2.70 -23.61 -1.41
CA LYS B 3 -1.32 -23.56 -1.92
C LYS B 3 -1.23 -22.84 -3.27
N GLN B 4 -2.07 -23.22 -4.22
CA GLN B 4 -2.08 -22.55 -5.52
C GLN B 4 -2.55 -21.10 -5.36
N PHE B 5 -1.84 -20.16 -6.00
CA PHE B 5 -2.26 -18.75 -6.03
C PHE B 5 -3.13 -18.55 -7.26
N HIS B 6 -4.16 -17.73 -7.15
CA HIS B 6 -5.10 -17.54 -8.24
C HIS B 6 -5.02 -16.13 -8.81
N THR B 7 -4.60 -16.02 -10.07
CA THR B 7 -4.56 -14.73 -10.73
C THR B 7 -5.74 -14.61 -11.66
N GLY B 8 -6.07 -13.37 -12.04
CA GLY B 8 -7.20 -13.09 -12.89
C GLY B 8 -8.53 -13.07 -12.15
N ILE B 9 -8.48 -12.95 -10.83
CA ILE B 9 -9.71 -12.79 -10.06
C ILE B 9 -9.97 -11.31 -9.80
N GLU B 10 -11.22 -10.98 -9.49
CA GLU B 10 -11.61 -9.60 -9.26
C GLU B 10 -12.47 -9.52 -8.02
N ILE B 11 -12.06 -8.69 -7.07
CA ILE B 11 -12.85 -8.50 -5.87
C ILE B 11 -13.53 -7.16 -6.01
N LYS B 12 -14.78 -7.21 -6.46
CA LYS B 12 -15.53 -6.02 -6.82
C LYS B 12 -16.43 -5.55 -5.69
N VAL B 13 -16.99 -6.49 -4.94
CA VAL B 13 -17.89 -6.14 -3.85
C VAL B 13 -17.31 -6.61 -2.51
N TRP B 14 -16.86 -5.65 -1.72
CA TRP B 14 -16.22 -6.01 -0.48
C TRP B 14 -16.48 -4.93 0.54
N ALA B 15 -16.52 -5.33 1.82
CA ALA B 15 -16.87 -4.42 2.89
C ALA B 15 -15.83 -4.41 3.99
N ILE B 16 -15.85 -3.36 4.80
CA ILE B 16 -14.99 -3.27 5.96
C ILE B 16 -15.84 -3.14 7.21
N ALA B 17 -15.56 -4.00 8.18
CA ALA B 17 -16.07 -3.81 9.53
C ALA B 17 -14.86 -3.56 10.45
N CYS B 18 -14.81 -2.38 11.08
CA CYS B 18 -13.71 -2.04 12.00
C CYS B 18 -14.16 -2.22 13.44
N PHE B 19 -13.58 -3.19 14.12
CA PHE B 19 -13.97 -3.48 15.50
C PHE B 19 -13.03 -2.81 16.49
N ALA B 20 -12.11 -2.02 15.96
CA ALA B 20 -11.25 -1.18 16.77
C ALA B 20 -11.81 0.24 16.73
N PRO B 21 -11.54 1.03 17.77
CA PRO B 21 -12.19 2.34 17.88
C PRO B 21 -11.81 3.27 16.72
N GLN B 22 -12.71 4.13 16.28
CA GLN B 22 -12.31 5.15 15.30
C GLN B 22 -11.15 6.01 15.80
N ARG B 23 -11.14 6.33 17.10
CA ARG B 23 -10.08 7.16 17.67
C ARG B 23 -8.72 6.63 17.28
N GLN B 24 -8.59 5.31 17.19
CA GLN B 24 -7.30 4.75 16.85
C GLN B 24 -7.18 4.48 15.37
N CYS B 25 -8.27 4.03 14.75
CA CYS B 25 -8.25 3.70 13.34
C CYS B 25 -9.18 4.62 12.56
N THR B 26 -8.63 5.73 12.10
CA THR B 26 -9.40 6.83 11.56
C THR B 26 -9.67 6.64 10.08
N GLU B 27 -10.54 7.50 9.55
CA GLU B 27 -10.92 7.43 8.15
C GLU B 27 -9.70 7.52 7.25
N VAL B 28 -8.71 8.31 7.65
CA VAL B 28 -7.57 8.54 6.78
C VAL B 28 -6.70 7.30 6.74
N HIS B 29 -6.64 6.58 7.87
CA HIS B 29 -5.98 5.28 7.93
C HIS B 29 -6.67 4.28 6.99
N LEU B 30 -8.00 4.18 7.11
CA LEU B 30 -8.77 3.27 6.29
C LEU B 30 -8.55 3.55 4.80
N LYS B 31 -8.52 4.83 4.45
CA LYS B 31 -8.48 5.24 3.06
C LYS B 31 -7.11 5.04 2.44
N SER B 32 -6.05 5.36 3.15
CA SER B 32 -4.72 5.10 2.59
C SER B 32 -4.41 3.61 2.54
N PHE B 33 -4.83 2.88 3.58
CA PHE B 33 -4.71 1.43 3.58
C PHE B 33 -5.44 0.85 2.36
N THR B 34 -6.67 1.30 2.14
CA THR B 34 -7.46 0.81 1.04
C THR B 34 -6.75 1.09 -0.28
N GLU B 35 -6.21 2.29 -0.42
CA GLU B 35 -5.53 2.67 -1.65
C GLU B 35 -4.26 1.87 -1.87
N GLN B 36 -3.56 1.53 -0.79
CA GLN B 36 -2.36 0.71 -0.91
C GLN B 36 -2.72 -0.73 -1.25
N LEU B 37 -3.82 -1.18 -0.67
CA LEU B 37 -4.31 -2.52 -0.92
C LEU B 37 -4.76 -2.64 -2.38
N ARG B 38 -5.38 -1.58 -2.88
CA ARG B 38 -5.84 -1.56 -4.26
C ARG B 38 -4.68 -1.79 -5.22
N LYS B 39 -3.59 -1.04 -5.03
CA LYS B 39 -2.46 -1.08 -5.93
C LYS B 39 -1.72 -2.41 -5.92
N ILE B 40 -1.44 -2.94 -4.74
CA ILE B 40 -0.70 -4.18 -4.70
C ILE B 40 -1.55 -5.36 -5.17
N SER B 41 -2.82 -5.37 -4.80
CA SER B 41 -3.70 -6.46 -5.22
C SER B 41 -3.86 -6.47 -6.75
N ARG B 42 -3.93 -5.28 -7.34
CA ARG B 42 -3.97 -5.13 -8.79
C ARG B 42 -2.68 -5.68 -9.43
N ASP B 43 -1.53 -5.28 -8.89
CA ASP B 43 -0.21 -5.75 -9.37
C ASP B 43 -0.21 -7.27 -9.42
N ALA B 44 -0.77 -7.89 -8.37
CA ALA B 44 -0.67 -9.33 -8.17
C ALA B 44 -1.78 -10.10 -8.86
N GLY B 45 -2.50 -9.43 -9.76
CA GLY B 45 -3.55 -10.09 -10.52
C GLY B 45 -4.79 -10.53 -9.75
N MET B 46 -5.02 -9.94 -8.58
CA MET B 46 -6.26 -10.16 -7.83
C MET B 46 -6.81 -8.81 -7.38
N PRO B 47 -7.03 -7.92 -8.35
CA PRO B 47 -7.38 -6.53 -8.03
C PRO B 47 -8.59 -6.42 -7.09
N ILE B 48 -8.40 -5.75 -5.96
CA ILE B 48 -9.49 -5.42 -5.07
C ILE B 48 -9.90 -3.98 -5.38
N GLN B 49 -11.16 -3.77 -5.72
CA GLN B 49 -11.67 -2.42 -5.98
C GLN B 49 -11.34 -1.43 -4.86
N GLY B 50 -10.95 -0.23 -5.24
CA GLY B 50 -10.60 0.81 -4.27
C GLY B 50 -11.74 1.31 -3.41
N GLN B 51 -12.98 0.95 -3.76
CA GLN B 51 -14.12 1.41 -2.98
C GLN B 51 -14.94 0.29 -2.36
N PRO B 52 -14.91 0.19 -1.02
CA PRO B 52 -15.74 -0.78 -0.30
C PRO B 52 -17.21 -0.39 -0.40
N CYS B 53 -18.10 -1.37 -0.33
CA CYS B 53 -19.53 -1.12 -0.47
C CYS B 53 -20.11 -0.69 0.88
N PHE B 54 -19.32 -0.88 1.92
CA PHE B 54 -19.78 -0.69 3.29
C PHE B 54 -18.52 -0.57 4.13
N CYS B 55 -18.52 0.36 5.07
CA CYS B 55 -17.38 0.56 5.97
C CYS B 55 -17.88 1.18 7.25
N LYS B 56 -18.02 0.37 8.29
CA LYS B 56 -18.51 0.89 9.56
C LYS B 56 -17.80 0.33 10.79
N TYR B 57 -17.79 1.12 11.85
CA TYR B 57 -17.17 0.73 13.10
C TYR B 57 -18.21 -0.01 13.90
N ALA B 58 -17.76 -0.92 14.74
CA ALA B 58 -18.62 -1.65 15.67
C ALA B 58 -17.78 -2.11 16.85
N GLN B 59 -18.44 -2.59 17.91
CA GLN B 59 -17.71 -3.04 19.08
C GLN B 59 -18.35 -4.26 19.73
N GLY B 60 -17.52 -5.24 20.05
CA GLY B 60 -17.95 -6.41 20.79
C GLY B 60 -18.44 -7.52 19.90
N ALA B 61 -18.21 -8.75 20.35
CA ALA B 61 -18.65 -9.92 19.64
C ALA B 61 -20.14 -9.81 19.32
N ASP B 62 -20.91 -9.38 20.31
CA ASP B 62 -22.37 -9.33 20.18
C ASP B 62 -22.86 -8.60 18.94
N SER B 63 -22.03 -7.73 18.37
CA SER B 63 -22.46 -6.92 17.23
C SER B 63 -22.17 -7.59 15.88
N VAL B 64 -21.42 -8.68 15.91
CA VAL B 64 -20.99 -9.35 14.67
C VAL B 64 -22.17 -9.95 13.86
N GLU B 65 -22.92 -10.88 14.43
CA GLU B 65 -23.96 -11.56 13.68
C GLU B 65 -25.02 -10.60 13.12
N PRO B 66 -25.56 -9.73 13.98
CA PRO B 66 -26.48 -8.68 13.50
C PRO B 66 -25.92 -7.92 12.30
N MET B 67 -24.64 -7.55 12.36
CA MET B 67 -24.02 -6.78 11.29
C MET B 67 -23.83 -7.59 10.00
N PHE B 68 -23.36 -8.82 10.14
CA PHE B 68 -23.06 -9.66 8.98
C PHE B 68 -24.34 -10.06 8.26
N ARG B 69 -25.39 -10.35 9.03
CA ARG B 69 -26.70 -10.64 8.45
C ARG B 69 -27.19 -9.43 7.65
N HIS B 70 -26.92 -8.22 8.16
CA HIS B 70 -27.29 -7.02 7.42
C HIS B 70 -26.54 -6.96 6.11
N LEU B 71 -25.25 -7.28 6.17
CA LEU B 71 -24.40 -7.24 5.01
C LEU B 71 -24.85 -8.26 3.96
N LYS B 72 -25.01 -9.50 4.39
CA LYS B 72 -25.45 -10.56 3.49
C LYS B 72 -26.81 -10.22 2.88
N ASN B 73 -27.73 -9.69 3.69
CA ASN B 73 -29.08 -9.32 3.22
C ASN B 73 -29.13 -8.07 2.38
N THR B 74 -28.08 -7.27 2.38
CA THR B 74 -28.17 -5.99 1.71
C THR B 74 -27.32 -5.89 0.45
N TYR B 75 -26.17 -6.55 0.46
CA TYR B 75 -25.22 -6.38 -0.63
C TYR B 75 -25.13 -7.66 -1.47
N ALA B 76 -25.94 -7.72 -2.52
CA ALA B 76 -25.91 -8.87 -3.41
C ALA B 76 -24.52 -9.02 -4.01
N GLY B 77 -24.03 -10.25 -4.08
CA GLY B 77 -22.73 -10.47 -4.68
C GLY B 77 -21.55 -10.03 -3.81
N LEU B 78 -21.82 -9.83 -2.53
CA LEU B 78 -20.74 -9.56 -1.57
C LEU B 78 -19.72 -10.70 -1.59
N GLN B 79 -18.46 -10.35 -1.82
CA GLN B 79 -17.37 -11.33 -1.94
C GLN B 79 -16.51 -11.51 -0.68
N LEU B 80 -16.39 -10.46 0.13
CA LEU B 80 -15.45 -10.47 1.24
C LEU B 80 -15.77 -9.38 2.25
N VAL B 81 -15.65 -9.72 3.52
CA VAL B 81 -15.70 -8.72 4.58
C VAL B 81 -14.30 -8.66 5.20
N VAL B 82 -13.68 -7.50 5.13
CA VAL B 82 -12.39 -7.26 5.75
C VAL B 82 -12.64 -6.74 7.15
N VAL B 83 -12.13 -7.48 8.13
CA VAL B 83 -12.45 -7.20 9.51
C VAL B 83 -11.22 -6.70 10.24
N ILE B 84 -11.30 -5.51 10.81
CA ILE B 84 -10.15 -4.88 11.44
C ILE B 84 -10.26 -5.04 12.95
N LEU B 85 -9.26 -5.66 13.54
CA LEU B 85 -9.29 -6.00 14.96
C LEU B 85 -8.15 -5.30 15.69
N PRO B 86 -8.35 -4.98 16.98
CA PRO B 86 -7.31 -4.28 17.75
C PRO B 86 -6.21 -5.22 18.23
N GLY B 87 -6.42 -6.52 18.11
CA GLY B 87 -5.47 -7.52 18.56
C GLY B 87 -6.22 -8.81 18.90
N LYS B 88 -5.90 -9.39 20.05
CA LYS B 88 -6.61 -10.56 20.57
C LYS B 88 -7.96 -10.11 21.08
N THR B 89 -9.02 -10.81 20.66
CA THR B 89 -10.37 -10.41 21.06
C THR B 89 -11.40 -11.49 20.78
N PRO B 90 -12.42 -11.56 21.65
CA PRO B 90 -13.55 -12.48 21.49
C PRO B 90 -14.20 -12.30 20.12
N VAL B 91 -14.06 -11.11 19.55
CA VAL B 91 -14.65 -10.83 18.24
C VAL B 91 -14.14 -11.77 17.15
N TYR B 92 -12.84 -12.07 17.17
CA TYR B 92 -12.29 -12.98 16.16
C TYR B 92 -13.08 -14.29 16.08
N ALA B 93 -13.24 -14.99 17.20
CA ALA B 93 -13.94 -16.28 17.17
C ALA B 93 -15.40 -16.13 16.75
N GLU B 94 -16.02 -15.01 17.15
CA GLU B 94 -17.40 -14.75 16.72
C GLU B 94 -17.47 -14.47 15.22
N VAL B 95 -16.56 -13.64 14.73
CA VAL B 95 -16.51 -13.39 13.29
C VAL B 95 -16.47 -14.71 12.52
N LYS B 96 -15.61 -15.62 12.96
CA LYS B 96 -15.44 -16.90 12.27
C LYS B 96 -16.61 -17.85 12.46
N ARG B 97 -17.25 -17.79 13.63
CA ARG B 97 -18.45 -18.59 13.87
C ARG B 97 -19.57 -18.19 12.93
N VAL B 98 -19.81 -16.89 12.82
CA VAL B 98 -20.85 -16.35 11.96
C VAL B 98 -20.52 -16.48 10.48
N GLY B 99 -19.29 -16.11 10.12
CA GLY B 99 -18.83 -16.18 8.76
C GLY B 99 -18.73 -17.60 8.22
N ASP B 100 -18.03 -18.47 8.95
CA ASP B 100 -17.76 -19.82 8.45
C ASP B 100 -18.93 -20.78 8.68
N THR B 101 -19.66 -20.58 9.77
CA THR B 101 -20.59 -21.61 10.21
C THR B 101 -22.06 -21.24 10.10
N VAL B 102 -22.35 -19.95 10.01
CA VAL B 102 -23.73 -19.51 10.09
C VAL B 102 -24.26 -18.85 8.82
N LEU B 103 -23.53 -17.89 8.29
CA LEU B 103 -23.98 -17.16 7.11
C LEU B 103 -23.24 -17.55 5.84
N GLY B 104 -22.22 -18.39 5.98
CA GLY B 104 -21.39 -18.77 4.84
C GLY B 104 -20.85 -17.55 4.12
N MET B 105 -19.99 -16.79 4.79
CA MET B 105 -19.49 -15.52 4.28
C MET B 105 -17.98 -15.44 4.41
N ALA B 106 -17.29 -15.16 3.32
CA ALA B 106 -15.84 -15.00 3.35
C ALA B 106 -15.44 -13.80 4.20
N THR B 107 -14.65 -14.04 5.25
CA THR B 107 -14.10 -12.93 6.05
C THR B 107 -12.58 -13.01 6.08
N GLN B 108 -11.94 -11.84 6.08
CA GLN B 108 -10.50 -11.75 6.29
C GLN B 108 -10.15 -10.71 7.37
N CYS B 109 -9.58 -11.17 8.47
CA CYS B 109 -9.18 -10.27 9.55
C CYS B 109 -7.81 -9.64 9.31
N VAL B 110 -7.64 -8.43 9.81
CA VAL B 110 -6.38 -7.70 9.68
C VAL B 110 -6.17 -6.92 10.97
N GLN B 111 -4.92 -6.86 11.43
CA GLN B 111 -4.58 -6.10 12.63
C GLN B 111 -4.61 -4.60 12.38
N MET B 112 -5.21 -3.86 13.31
CA MET B 112 -5.33 -2.41 13.17
C MET B 112 -3.98 -1.70 12.99
N LYS B 113 -2.93 -2.25 13.60
CA LYS B 113 -1.60 -1.67 13.48
C LYS B 113 -1.10 -1.67 12.03
N ASN B 114 -1.52 -2.67 11.27
CA ASN B 114 -1.12 -2.81 9.88
C ASN B 114 -2.03 -2.05 8.93
N VAL B 115 -3.06 -1.43 9.48
CA VAL B 115 -3.93 -0.53 8.74
C VAL B 115 -3.45 0.90 9.02
N GLN B 116 -3.02 1.13 10.25
CA GLN B 116 -2.56 2.45 10.62
C GLN B 116 -1.31 2.80 9.84
N ARG B 117 -0.40 1.85 9.79
CA ARG B 117 0.84 1.97 9.04
C ARG B 117 0.99 0.70 8.25
N THR B 118 0.94 0.81 6.93
CA THR B 118 1.07 -0.35 6.06
C THR B 118 2.54 -0.52 5.65
N THR B 119 2.90 -1.75 5.28
CA THR B 119 4.14 -2.00 4.56
C THR B 119 3.81 -2.88 3.38
N PRO B 120 4.65 -2.85 2.34
CA PRO B 120 4.41 -3.78 1.24
C PRO B 120 4.36 -5.22 1.72
N GLN B 121 5.11 -5.55 2.76
CA GLN B 121 5.16 -6.92 3.26
C GLN B 121 3.86 -7.36 3.94
N THR B 122 3.29 -6.49 4.77
CA THR B 122 2.06 -6.85 5.46
C THR B 122 0.86 -6.79 4.50
N LEU B 123 0.89 -5.86 3.56
CA LEU B 123 -0.15 -5.83 2.53
C LEU B 123 -0.05 -7.13 1.71
N SER B 124 1.18 -7.54 1.44
CA SER B 124 1.42 -8.81 0.74
C SER B 124 0.88 -10.00 1.53
N ASN B 125 1.17 -10.04 2.83
CA ASN B 125 0.60 -11.07 3.71
C ASN B 125 -0.90 -11.14 3.57
N LEU B 126 -1.57 -9.98 3.63
CA LEU B 126 -3.02 -9.94 3.58
C LEU B 126 -3.57 -10.45 2.26
N CYS B 127 -2.96 -10.02 1.15
CA CYS B 127 -3.38 -10.50 -0.17
C CYS B 127 -3.30 -12.01 -0.31
N LEU B 128 -2.23 -12.62 0.18
CA LEU B 128 -2.12 -14.07 0.09
C LEU B 128 -3.20 -14.77 0.89
N LYS B 129 -3.55 -14.22 2.04
CA LYS B 129 -4.60 -14.83 2.87
C LYS B 129 -5.95 -14.69 2.17
N ILE B 130 -6.18 -13.53 1.59
CA ILE B 130 -7.42 -13.28 0.85
C ILE B 130 -7.52 -14.22 -0.36
N ASN B 131 -6.41 -14.36 -1.09
CA ASN B 131 -6.39 -15.22 -2.27
C ASN B 131 -6.76 -16.69 -1.97
N VAL B 132 -6.21 -17.25 -0.89
CA VAL B 132 -6.56 -18.61 -0.47
C VAL B 132 -8.06 -18.73 -0.24
N LYS B 133 -8.62 -17.76 0.47
CA LYS B 133 -10.03 -17.79 0.84
C LYS B 133 -10.98 -17.64 -0.33
N LEU B 134 -10.60 -16.84 -1.33
CA LEU B 134 -11.49 -16.55 -2.44
C LEU B 134 -11.20 -17.39 -3.68
N GLY B 135 -10.03 -18.01 -3.74
CA GLY B 135 -9.64 -18.78 -4.90
C GLY B 135 -10.26 -20.17 -4.92
N LYS C 3 -13.47 10.13 -4.35
CA LYS C 3 -13.07 10.39 -2.96
C LYS C 3 -11.99 9.40 -2.50
N GLN C 4 -11.25 8.83 -3.43
CA GLN C 4 -10.16 7.91 -3.11
C GLN C 4 -8.86 8.65 -2.78
N PHE C 5 -8.11 8.08 -1.83
CA PHE C 5 -6.86 8.65 -1.32
C PHE C 5 -5.78 8.68 -2.40
N HIS C 6 -5.01 9.76 -2.45
CA HIS C 6 -3.87 9.82 -3.37
C HIS C 6 -2.54 9.56 -2.67
N THR C 7 -1.76 8.63 -3.22
CA THR C 7 -0.47 8.27 -2.67
C THR C 7 0.62 9.15 -3.25
N GLY C 8 1.82 9.08 -2.67
CA GLY C 8 2.98 9.74 -3.23
C GLY C 8 3.11 11.24 -2.98
N ILE C 9 2.12 11.83 -2.33
CA ILE C 9 2.19 13.23 -1.97
C ILE C 9 3.23 13.45 -0.85
N GLU C 10 4.10 14.43 -1.03
CA GLU C 10 5.04 14.85 0.01
C GLU C 10 4.96 16.36 0.19
N ILE C 11 4.57 16.79 1.38
CA ILE C 11 4.41 18.22 1.64
C ILE C 11 5.63 18.75 2.37
N LYS C 12 6.51 19.41 1.64
CA LYS C 12 7.80 19.83 2.18
C LYS C 12 7.88 21.34 2.44
N VAL C 13 7.13 22.11 1.68
CA VAL C 13 7.14 23.56 1.82
C VAL C 13 5.74 24.00 2.14
N TRP C 14 5.51 24.32 3.41
CA TRP C 14 4.17 24.71 3.84
C TRP C 14 4.28 25.69 4.98
N ALA C 15 3.26 26.55 5.10
CA ALA C 15 3.29 27.64 6.08
C ALA C 15 2.05 27.60 6.98
N ILE C 16 2.15 28.25 8.13
CA ILE C 16 1.04 28.35 9.06
C ILE C 16 0.71 29.83 9.18
N ALA C 17 -0.56 30.16 8.99
CA ALA C 17 -1.04 31.52 9.21
C ALA C 17 -2.12 31.40 10.26
N CYS C 18 -1.83 31.88 11.46
CA CYS C 18 -2.75 31.74 12.57
C CYS C 18 -3.56 32.99 12.78
N PHE C 19 -4.86 32.91 12.47
CA PHE C 19 -5.74 34.05 12.66
C PHE C 19 -6.48 33.99 14.00
N ALA C 20 -6.19 32.95 14.77
CA ALA C 20 -6.66 32.90 16.15
C ALA C 20 -5.68 33.67 17.04
N PRO C 21 -6.19 34.30 18.10
CA PRO C 21 -5.30 35.13 18.92
C PRO C 21 -4.23 34.27 19.58
N GLN C 22 -2.99 34.75 19.56
CA GLN C 22 -1.88 34.06 20.21
C GLN C 22 -2.21 33.63 21.63
N ARG C 23 -2.94 34.47 22.35
CA ARG C 23 -3.21 34.21 23.76
C ARG C 23 -4.12 33.01 23.95
N GLN C 24 -4.82 32.62 22.89
CA GLN C 24 -5.70 31.48 22.96
C GLN C 24 -5.04 30.26 22.30
N CYS C 25 -4.29 30.52 21.24
CA CYS C 25 -3.63 29.47 20.49
C CYS C 25 -2.15 29.76 20.44
N THR C 26 -1.42 29.32 21.47
CA THR C 26 -0.03 29.74 21.65
C THR C 26 0.91 29.00 20.73
N GLU C 27 2.16 29.43 20.75
CA GLU C 27 3.18 28.84 19.89
C GLU C 27 3.41 27.38 20.25
N VAL C 28 3.31 27.05 21.53
CA VAL C 28 3.47 25.65 21.93
C VAL C 28 2.27 24.79 21.51
N HIS C 29 1.07 25.39 21.44
CA HIS C 29 -0.10 24.69 20.91
C HIS C 29 0.10 24.34 19.43
N LEU C 30 0.65 25.29 18.68
CA LEU C 30 0.86 25.12 17.24
C LEU C 30 1.93 24.08 16.93
N LYS C 31 3.00 24.12 17.71
CA LYS C 31 4.12 23.21 17.53
C LYS C 31 3.71 21.79 17.86
N SER C 32 2.92 21.66 18.92
CA SER C 32 2.41 20.38 19.36
C SER C 32 1.44 19.81 18.34
N PHE C 33 0.57 20.67 17.83
CA PHE C 33 -0.39 20.30 16.79
C PHE C 33 0.35 19.87 15.51
N THR C 34 1.41 20.59 15.17
CA THR C 34 2.20 20.29 14.00
C THR C 34 2.85 18.91 14.12
N GLU C 35 3.41 18.62 15.28
CA GLU C 35 4.05 17.32 15.49
C GLU C 35 3.04 16.18 15.38
N GLN C 36 1.81 16.42 15.85
CA GLN C 36 0.76 15.39 15.73
C GLN C 36 0.28 15.24 14.29
N LEU C 37 0.23 16.35 13.56
CA LEU C 37 -0.12 16.31 12.14
C LEU C 37 0.96 15.57 11.36
N ARG C 38 2.23 15.89 11.67
CA ARG C 38 3.36 15.25 11.02
C ARG C 38 3.28 13.73 11.17
N LYS C 39 2.95 13.28 12.37
CA LYS C 39 2.91 11.85 12.65
C LYS C 39 1.82 11.15 11.86
N ILE C 40 0.58 11.60 11.97
CA ILE C 40 -0.52 10.90 11.31
C ILE C 40 -0.42 10.98 9.78
N SER C 41 0.11 12.09 9.27
CA SER C 41 0.23 12.28 7.83
C SER C 41 1.32 11.35 7.29
N ARG C 42 2.38 11.20 8.08
CA ARG C 42 3.44 10.26 7.75
C ARG C 42 2.87 8.86 7.65
N ASP C 43 2.19 8.45 8.71
CA ASP C 43 1.61 7.12 8.77
C ASP C 43 0.69 6.85 7.58
N ALA C 44 0.03 7.89 7.09
CA ALA C 44 -0.96 7.72 6.02
C ALA C 44 -0.36 7.85 4.62
N GLY C 45 0.95 7.97 4.56
CA GLY C 45 1.63 8.05 3.28
C GLY C 45 1.43 9.35 2.52
N MET C 46 1.17 10.44 3.26
CA MET C 46 1.12 11.79 2.69
C MET C 46 1.88 12.72 3.63
N PRO C 47 3.17 12.47 3.81
CA PRO C 47 3.95 13.12 4.86
C PRO C 47 4.05 14.65 4.73
N ILE C 48 3.66 15.35 5.80
CA ILE C 48 3.87 16.78 5.92
C ILE C 48 5.12 16.96 6.78
N GLN C 49 6.17 17.58 6.24
CA GLN C 49 7.41 17.70 6.99
C GLN C 49 7.20 18.50 8.27
N GLY C 50 7.94 18.15 9.32
CA GLY C 50 7.72 18.71 10.64
C GLY C 50 7.96 20.20 10.74
N GLN C 51 8.65 20.78 9.76
CA GLN C 51 9.00 22.19 9.85
C GLN C 51 8.35 23.10 8.81
N PRO C 52 7.33 23.87 9.22
CA PRO C 52 6.76 24.87 8.31
C PRO C 52 7.81 25.90 7.94
N CYS C 53 7.76 26.45 6.73
CA CYS C 53 8.70 27.50 6.33
C CYS C 53 8.36 28.87 6.93
N PHE C 54 7.19 28.98 7.53
CA PHE C 54 6.68 30.27 8.01
C PHE C 54 5.54 29.99 8.97
N CYS C 55 5.57 30.68 10.11
CA CYS C 55 4.52 30.56 11.09
C CYS C 55 4.36 31.89 11.80
N LYS C 56 3.31 32.63 11.46
CA LYS C 56 3.05 33.92 12.09
C LYS C 56 1.57 34.17 12.39
N TYR C 57 1.31 35.01 13.38
CA TYR C 57 -0.04 35.36 13.80
C TYR C 57 -0.53 36.58 13.03
N ALA C 58 -1.82 36.57 12.70
CA ALA C 58 -2.48 37.72 12.08
C ALA C 58 -3.89 37.86 12.64
N GLN C 59 -4.49 39.04 12.45
CA GLN C 59 -5.82 39.29 13.00
C GLN C 59 -6.68 40.03 11.98
N GLY C 60 -7.86 39.47 11.70
CA GLY C 60 -8.82 40.12 10.82
C GLY C 60 -8.73 39.73 9.35
N ALA C 61 -9.89 39.65 8.70
CA ALA C 61 -9.96 39.37 7.27
C ALA C 61 -9.05 40.28 6.46
N ASP C 62 -8.92 41.53 6.92
CA ASP C 62 -8.13 42.51 6.20
C ASP C 62 -6.62 42.22 6.16
N SER C 63 -6.15 41.31 7.02
CA SER C 63 -4.73 41.00 7.01
C SER C 63 -4.45 39.78 6.12
N VAL C 64 -5.51 39.11 5.70
CA VAL C 64 -5.37 37.90 4.88
C VAL C 64 -4.53 38.16 3.64
N GLU C 65 -4.96 39.08 2.78
CA GLU C 65 -4.31 39.22 1.47
C GLU C 65 -2.83 39.62 1.54
N PRO C 66 -2.50 40.63 2.37
CA PRO C 66 -1.10 41.05 2.49
C PRO C 66 -0.19 39.92 2.95
N MET C 67 -0.67 39.06 3.83
CA MET C 67 0.14 37.95 4.31
C MET C 67 0.34 36.93 3.20
N PHE C 68 -0.76 36.50 2.57
CA PHE C 68 -0.68 35.51 1.52
C PHE C 68 0.21 35.97 0.37
N ARG C 69 0.10 37.25 0.02
CA ARG C 69 0.93 37.79 -1.05
C ARG C 69 2.40 37.69 -0.68
N HIS C 70 2.70 38.01 0.59
CA HIS C 70 4.05 37.85 1.09
C HIS C 70 4.48 36.39 1.05
N LEU C 71 3.58 35.48 1.41
CA LEU C 71 3.96 34.07 1.43
C LEU C 71 4.30 33.61 0.00
N LYS C 72 3.43 33.94 -0.94
CA LYS C 72 3.62 33.59 -2.34
C LYS C 72 4.94 34.14 -2.88
N ASN C 73 5.24 35.39 -2.56
CA ASN C 73 6.41 36.06 -3.10
C ASN C 73 7.71 35.56 -2.48
N THR C 74 7.61 35.10 -1.25
CA THR C 74 8.80 34.84 -0.45
C THR C 74 9.26 33.39 -0.54
N TYR C 75 8.31 32.47 -0.65
CA TYR C 75 8.64 31.04 -0.56
C TYR C 75 8.37 30.28 -1.86
N ALA C 76 9.40 30.19 -2.69
CA ALA C 76 9.33 29.44 -3.93
C ALA C 76 9.09 27.96 -3.65
N GLY C 77 8.07 27.40 -4.29
CA GLY C 77 7.73 26.00 -4.10
C GLY C 77 6.72 25.78 -2.99
N LEU C 78 6.18 26.87 -2.47
CA LEU C 78 5.17 26.81 -1.41
C LEU C 78 4.01 25.93 -1.86
N GLN C 79 3.70 24.91 -1.07
CA GLN C 79 2.67 23.95 -1.46
C GLN C 79 1.31 24.20 -0.82
N LEU C 80 1.31 24.75 0.39
CA LEU C 80 0.11 24.79 1.19
C LEU C 80 0.23 25.82 2.29
N VAL C 81 -0.81 26.61 2.48
CA VAL C 81 -0.95 27.41 3.70
C VAL C 81 -2.05 26.82 4.58
N VAL C 82 -1.66 26.44 5.79
CA VAL C 82 -2.60 25.92 6.77
C VAL C 82 -3.06 27.10 7.59
N VAL C 83 -4.35 27.36 7.58
CA VAL C 83 -4.86 28.59 8.16
C VAL C 83 -5.66 28.25 9.38
N ILE C 84 -5.29 28.82 10.53
CA ILE C 84 -6.02 28.53 11.77
C ILE C 84 -7.11 29.58 11.94
N LEU C 85 -8.36 29.15 12.07
CA LEU C 85 -9.49 30.07 12.22
C LEU C 85 -9.97 30.25 13.66
N PRO C 86 -10.26 31.50 14.07
CA PRO C 86 -10.84 31.78 15.38
C PRO C 86 -12.36 31.72 15.27
N GLY C 87 -12.91 30.53 15.09
CA GLY C 87 -14.35 30.36 15.02
C GLY C 87 -14.99 30.81 13.72
N LYS C 88 -16.24 31.26 13.82
CA LYS C 88 -16.99 31.77 12.68
C LYS C 88 -16.72 33.26 12.51
N THR C 89 -15.83 33.59 11.58
CA THR C 89 -15.57 34.99 11.24
C THR C 89 -15.48 35.10 9.71
N PRO C 90 -15.44 36.35 9.22
CA PRO C 90 -15.27 36.60 7.79
C PRO C 90 -13.90 36.17 7.30
N VAL C 91 -13.01 35.77 8.19
CA VAL C 91 -11.68 35.35 7.76
C VAL C 91 -11.76 34.17 6.79
N TYR C 92 -12.68 33.25 7.05
CA TYR C 92 -12.77 32.07 6.18
C TYR C 92 -13.02 32.49 4.75
N ALA C 93 -14.05 33.32 4.55
CA ALA C 93 -14.42 33.70 3.19
C ALA C 93 -13.28 34.43 2.48
N GLU C 94 -12.57 35.27 3.23
CA GLU C 94 -11.49 36.06 2.68
C GLU C 94 -10.36 35.15 2.25
N VAL C 95 -10.04 34.17 3.10
CA VAL C 95 -8.99 33.20 2.82
C VAL C 95 -9.28 32.46 1.52
N LYS C 96 -10.52 32.05 1.36
CA LYS C 96 -10.90 31.36 0.14
C LYS C 96 -10.89 32.30 -1.06
N ARG C 97 -11.39 33.53 -0.90
CA ARG C 97 -11.31 34.50 -1.99
C ARG C 97 -9.85 34.77 -2.40
N VAL C 98 -8.98 35.03 -1.44
CA VAL C 98 -7.60 35.39 -1.77
C VAL C 98 -6.83 34.19 -2.33
N GLY C 99 -6.99 33.04 -1.69
CA GLY C 99 -6.26 31.85 -2.10
C GLY C 99 -6.72 31.29 -3.42
N ASP C 100 -8.03 31.12 -3.56
CA ASP C 100 -8.60 30.50 -4.77
C ASP C 100 -8.62 31.46 -5.95
N THR C 101 -9.06 32.69 -5.71
CA THR C 101 -9.35 33.62 -6.81
C THR C 101 -8.27 34.64 -7.12
N VAL C 102 -7.68 35.22 -6.08
CA VAL C 102 -6.70 36.27 -6.29
C VAL C 102 -5.30 35.74 -6.61
N LEU C 103 -4.82 34.80 -5.78
CA LEU C 103 -3.42 34.38 -5.83
C LEU C 103 -3.21 32.97 -6.35
N GLY C 104 -4.25 32.15 -6.40
CA GLY C 104 -4.11 30.77 -6.84
C GLY C 104 -3.16 29.98 -5.96
N MET C 105 -3.40 30.04 -4.64
CA MET C 105 -2.58 29.35 -3.65
C MET C 105 -3.44 28.35 -2.90
N ALA C 106 -2.92 27.14 -2.76
CA ALA C 106 -3.63 26.11 -2.00
C ALA C 106 -3.68 26.50 -0.53
N THR C 107 -4.86 26.40 0.07
CA THR C 107 -5.01 26.69 1.48
C THR C 107 -5.92 25.64 2.11
N GLN C 108 -5.70 25.42 3.40
CA GLN C 108 -6.52 24.49 4.17
C GLN C 108 -6.80 25.10 5.53
N CYS C 109 -8.07 25.32 5.82
CA CYS C 109 -8.42 25.96 7.08
C CYS C 109 -8.62 24.91 8.18
N VAL C 110 -8.42 25.33 9.42
CA VAL C 110 -8.66 24.44 10.55
C VAL C 110 -9.13 25.28 11.73
N GLN C 111 -10.15 24.80 12.43
CA GLN C 111 -10.69 25.54 13.55
C GLN C 111 -9.72 25.56 14.74
N MET C 112 -9.59 26.73 15.35
CA MET C 112 -8.72 26.94 16.49
C MET C 112 -8.86 25.86 17.55
N LYS C 113 -10.09 25.46 17.82
CA LYS C 113 -10.38 24.43 18.82
C LYS C 113 -9.84 23.05 18.49
N ASN C 114 -9.53 22.79 17.22
CA ASN C 114 -8.93 21.51 16.82
C ASN C 114 -7.42 21.57 16.79
N VAL C 115 -6.90 22.76 17.05
CA VAL C 115 -5.47 22.94 17.23
C VAL C 115 -5.18 22.96 18.71
N GLN C 116 -6.11 23.53 19.48
CA GLN C 116 -6.00 23.59 20.94
C GLN C 116 -6.03 22.21 21.57
N ARG C 117 -6.93 21.36 21.12
CA ARG C 117 -6.89 19.94 21.48
C ARG C 117 -7.10 19.13 20.21
N THR C 118 -6.05 18.43 19.79
CA THR C 118 -6.17 17.58 18.62
C THR C 118 -6.79 16.24 19.02
N THR C 119 -7.38 15.57 18.03
CA THR C 119 -7.81 14.20 18.15
C THR C 119 -7.45 13.54 16.84
N PRO C 120 -7.28 12.22 16.86
CA PRO C 120 -7.03 11.49 15.62
C PRO C 120 -8.08 11.84 14.55
N GLN C 121 -9.35 11.80 14.92
CA GLN C 121 -10.44 12.07 13.98
C GLN C 121 -10.35 13.44 13.30
N THR C 122 -10.01 14.48 14.06
CA THR C 122 -9.95 15.80 13.48
C THR C 122 -8.69 16.01 12.64
N LEU C 123 -7.58 15.39 13.05
CA LEU C 123 -6.36 15.36 12.23
C LEU C 123 -6.60 14.58 10.94
N SER C 124 -7.28 13.45 11.06
CA SER C 124 -7.72 12.67 9.90
C SER C 124 -8.55 13.52 8.91
N ASN C 125 -9.62 14.16 9.39
CA ASN C 125 -10.41 15.04 8.53
C ASN C 125 -9.50 15.98 7.76
N LEU C 126 -8.56 16.59 8.50
CA LEU C 126 -7.65 17.58 7.94
C LEU C 126 -6.76 16.98 6.85
N CYS C 127 -6.21 15.80 7.10
CA CYS C 127 -5.38 15.13 6.12
C CYS C 127 -6.17 14.77 4.86
N LEU C 128 -7.41 14.33 5.04
CA LEU C 128 -8.24 13.95 3.92
C LEU C 128 -8.49 15.15 3.05
N LYS C 129 -8.83 16.28 3.67
CA LYS C 129 -9.09 17.50 2.94
C LYS C 129 -7.84 17.93 2.17
N ILE C 130 -6.68 17.79 2.81
CA ILE C 130 -5.44 18.19 2.17
C ILE C 130 -5.15 17.25 1.00
N ASN C 131 -5.46 15.96 1.18
CA ASN C 131 -5.11 14.98 0.16
C ASN C 131 -5.88 15.29 -1.11
N VAL C 132 -7.13 15.64 -0.94
CA VAL C 132 -8.00 16.00 -2.05
C VAL C 132 -7.46 17.21 -2.80
N LYS C 133 -7.03 18.21 -2.04
CA LYS C 133 -6.53 19.46 -2.60
C LYS C 133 -5.22 19.30 -3.33
N LEU C 134 -4.29 18.54 -2.77
CA LEU C 134 -2.99 18.41 -3.40
C LEU C 134 -2.90 17.20 -4.32
N GLY C 135 -3.96 16.39 -4.35
CA GLY C 135 -3.93 15.14 -5.07
C GLY C 135 -4.71 15.18 -6.37
P 5GP D . 19.34 -14.14 -19.22
O1P 5GP D . 18.78 -12.82 -18.73
O2P 5GP D . 18.45 -14.71 -20.28
O3P 5GP D . 19.43 -15.10 -18.06
O5' 5GP D . 20.72 -13.94 -19.82
P 5GP E . -1.73 3.32 -10.30
O1P 5GP E . -2.06 4.18 -9.10
O2P 5GP E . -3.01 2.81 -10.92
O3P 5GP E . -0.85 2.17 -9.87
O5' 5GP E . -0.97 4.13 -11.33
P 5GP F . -8.02 -14.77 9.25
O1P 5GP F . -7.39 -13.79 10.21
O2P 5GP F . -9.30 -14.17 8.73
O3P 5GP F . -8.36 -16.06 9.97
O5' 5GP F . -7.02 -15.11 8.15
P PO4 G . -11.38 24.31 3.73
O1 PO4 G . -10.04 24.97 3.52
O2 PO4 G . -12.37 24.78 2.69
O3 PO4 G . -11.28 22.81 3.64
O4 PO4 G . -11.83 24.68 5.13
#